data_5RCC
#
_entry.id   5RCC
#
_cell.length_a   45.172
_cell.length_b   72.854
_cell.length_c   52.521
_cell.angle_alpha   90.000
_cell.angle_beta   109.210
_cell.angle_gamma   90.000
#
_symmetry.space_group_name_H-M   'P 1 21 1'
#
loop_
_entity.id
_entity.type
_entity.pdbx_description
1 polymer Endothiapepsin
2 non-polymer 3-cyclopentyl-1-(piperazin-1-yl)propan-1-one
3 non-polymer 'DIMETHYL SULFOXIDE'
4 non-polymer GLYCEROL
5 non-polymer 'ACETATE ION'
6 water water
#
_entity_poly.entity_id   1
_entity_poly.type   'polypeptide(L)'
_entity_poly.pdbx_seq_one_letter_code
;MSSPLKNALVTAMLAGGALSSPTKQHVGIPVNASPEVGPGKYSFKQVRNPNYKFNGPLSVKKTYLKYGVPIPAWLEDAVQ
NSTSGLAERSTGSATTTPIDSLDDAYITPVQIGTPAQTLNLDFDTGSSDLWVFSSETTASEVDGQTIYTPSKSTTAKLLS
GATWSISYGDGSSSSGDVYTDTVSVGGLTVTGQAVESAKKVSSSFTEDSTIDGLLGLAFSTLNTVSPTQQKTFFDNAKAS
LDSPVFTADLGYHAPGTYNFGFIDTTAYTGSITYTAVSTKQGFWEWTSTGYAVGSGTFKSTSIDGIADTGTTLLYLPATV
VSAYWAQVSGAKSSSSVGGYVFPCSATLPSFTFGVGSARIVIPGDYIDFGPISTGSSSCFGGIQSSAGIGINIFGDVALK
AAFVVFNGATTPTLGFASK
;
_entity_poly.pdbx_strand_id   A
#
loop_
_chem_comp.id
_chem_comp.type
_chem_comp.name
_chem_comp.formula
ACT non-polymer 'ACETATE ION' 'C2 H3 O2 -1'
DMS non-polymer 'DIMETHYL SULFOXIDE' 'C2 H6 O S'
GOL non-polymer GLYCEROL 'C3 H8 O3'
RDV non-polymer 3-cyclopentyl-1-(piperazin-1-yl)propan-1-one 'C12 H22 N2 O'
#
# COMPACT_ATOMS: atom_id res chain seq x y z
N SER A 90 -14.25 -19.67 6.18
CA SER A 90 -13.23 -19.25 7.18
C SER A 90 -13.10 -17.73 7.14
N THR A 91 -12.52 -17.20 8.21
CA THR A 91 -12.19 -15.77 8.29
C THR A 91 -10.87 -15.65 9.02
N GLY A 92 -10.28 -14.46 8.94
CA GLY A 92 -9.13 -14.09 9.79
C GLY A 92 -9.25 -12.66 10.19
N SER A 93 -8.62 -12.30 11.29
CA SER A 93 -8.64 -10.91 11.80
C SER A 93 -7.34 -10.65 12.51
N ALA A 94 -6.57 -9.67 12.07
CA ALA A 94 -5.27 -9.39 12.69
C ALA A 94 -5.18 -7.90 12.92
N THR A 95 -4.49 -7.53 14.00
CA THR A 95 -4.23 -6.11 14.30
C THR A 95 -3.00 -5.68 13.54
N THR A 96 -3.05 -4.47 13.01
CA THR A 96 -1.91 -3.85 12.32
C THR A 96 -1.48 -2.64 13.13
N THR A 97 -0.18 -2.44 13.29
CA THR A 97 0.33 -1.46 14.28
C THR A 97 1.31 -0.56 13.54
N PRO A 98 1.19 0.78 13.69
N PRO A 98 1.25 0.77 13.74
N PRO A 98 1.19 0.78 13.69
N PRO A 98 1.25 0.77 13.74
CA PRO A 98 2.25 1.66 13.20
CA PRO A 98 2.20 1.66 13.08
CA PRO A 98 2.25 1.66 13.19
CA PRO A 98 2.20 1.66 13.08
C PRO A 98 3.65 1.28 13.66
C PRO A 98 3.60 1.41 13.64
C PRO A 98 3.65 1.28 13.66
C PRO A 98 3.60 1.39 13.64
N ILE A 99 4.62 1.44 12.78
CA ILE A 99 6.02 1.12 13.14
C ILE A 99 6.62 2.27 13.93
N ASP A 100 6.07 3.47 13.93
CA ASP A 100 6.68 4.63 14.57
C ASP A 100 5.59 5.64 14.79
N SER A 101 5.95 6.80 15.38
CA SER A 101 4.98 7.81 15.82
C SER A 101 4.38 8.58 14.63
N LEU A 102 4.90 8.38 13.43
CA LEU A 102 4.43 9.11 12.22
C LEU A 102 3.50 8.23 11.39
N ASP A 103 3.30 6.96 11.71
CA ASP A 103 2.57 6.02 10.83
C ASP A 103 3.31 5.86 9.50
N ASP A 104 4.64 5.74 9.53
N ASP A 104 4.64 5.74 9.53
N ASP A 104 4.64 5.75 9.55
N ASP A 104 4.64 5.75 9.55
CA ASP A 104 5.42 5.60 8.27
CA ASP A 104 5.42 5.60 8.27
CA ASP A 104 5.42 5.61 8.30
CA ASP A 104 5.41 5.61 8.29
C ASP A 104 5.07 4.28 7.56
C ASP A 104 5.06 4.28 7.56
C ASP A 104 5.13 4.29 7.60
C ASP A 104 5.11 4.29 7.59
N ALA A 105 4.69 3.26 8.32
N ALA A 105 4.70 3.26 8.32
N ALA A 105 4.68 3.29 8.34
N ALA A 105 4.68 3.28 8.35
CA ALA A 105 4.13 2.03 7.77
CA ALA A 105 4.13 2.02 7.78
CA ALA A 105 4.35 1.96 7.82
CA ALA A 105 4.36 1.95 7.82
C ALA A 105 3.45 1.31 8.92
C ALA A 105 3.45 1.31 8.92
C ALA A 105 3.62 1.22 8.93
C ALA A 105 3.62 1.22 8.93
N TYR A 106 2.87 0.17 8.60
CA TYR A 106 2.14 -0.63 9.57
C TYR A 106 2.62 -2.08 9.45
N ILE A 107 2.77 -2.74 10.58
CA ILE A 107 3.15 -4.16 10.61
C ILE A 107 2.08 -5.01 11.25
N THR A 108 1.97 -6.22 10.72
CA THR A 108 0.93 -7.17 11.12
C THR A 108 1.63 -8.48 11.37
N PRO A 109 1.37 -9.16 12.50
CA PRO A 109 2.03 -10.42 12.77
C PRO A 109 1.48 -11.53 11.87
N VAL A 110 2.37 -12.35 11.37
CA VAL A 110 2.08 -13.46 10.44
C VAL A 110 2.80 -14.70 10.91
N GLN A 111 2.09 -15.81 11.03
CA GLN A 111 2.68 -17.07 11.44
C GLN A 111 3.12 -17.86 10.21
N ILE A 112 4.35 -18.25 10.17
CA ILE A 112 4.90 -19.02 9.02
C ILE A 112 5.51 -20.30 9.55
N GLY A 113 5.16 -21.41 8.96
CA GLY A 113 5.83 -22.67 9.27
C GLY A 113 5.26 -23.41 10.45
N THR A 114 5.91 -24.55 10.76
CA THR A 114 5.49 -25.48 11.83
C THR A 114 6.73 -25.94 12.57
N PRO A 115 6.90 -25.66 13.86
CA PRO A 115 6.06 -24.76 14.66
C PRO A 115 6.08 -23.35 14.07
N ALA A 116 5.10 -22.55 14.44
CA ALA A 116 4.95 -21.20 13.91
C ALA A 116 6.20 -20.39 14.18
N GLN A 117 6.60 -19.62 13.18
CA GLN A 117 7.59 -18.56 13.30
C GLN A 117 6.82 -17.26 13.04
N THR A 118 6.73 -16.35 13.97
CA THR A 118 5.94 -15.14 13.82
C THR A 118 6.83 -14.03 13.34
N LEU A 119 6.51 -13.49 12.17
CA LEU A 119 7.21 -12.35 11.58
C LEU A 119 6.24 -11.20 11.46
N ASN A 120 6.72 -10.00 11.57
CA ASN A 120 5.92 -8.78 11.43
C ASN A 120 6.05 -8.23 10.03
N LEU A 121 5.00 -8.38 9.23
CA LEU A 121 5.06 -8.07 7.81
C LEU A 121 4.28 -6.82 7.51
N ASP A 122 4.72 -6.15 6.46
N ASP A 122 4.71 -6.14 6.46
N ASP A 122 4.72 -6.12 6.47
N ASP A 122 4.72 -6.12 6.47
CA ASP A 122 4.05 -4.94 5.91
CA ASP A 122 4.06 -4.94 5.91
CA ASP A 122 4.05 -4.92 5.93
CA ASP A 122 4.05 -4.92 5.93
C ASP A 122 3.06 -5.41 4.86
C ASP A 122 3.06 -5.41 4.86
C ASP A 122 3.06 -5.35 4.86
C ASP A 122 3.06 -5.35 4.86
N PHE A 123 1.79 -5.33 5.17
CA PHE A 123 0.72 -5.73 4.22
C PHE A 123 0.59 -4.66 3.15
N ASP A 124 0.90 -5.04 1.92
N ASP A 124 0.90 -5.04 1.92
N ASP A 124 0.62 -5.07 1.89
N ASP A 124 0.62 -5.07 1.89
CA ASP A 124 1.07 -4.06 0.83
CA ASP A 124 1.07 -4.06 0.83
CA ASP A 124 0.84 -4.16 0.75
CA ASP A 124 0.84 -4.16 0.75
C ASP A 124 0.08 -4.37 -0.29
C ASP A 124 0.09 -4.38 -0.30
C ASP A 124 -0.19 -4.43 -0.35
C ASP A 124 -0.20 -4.43 -0.35
N THR A 125 -1.02 -3.64 -0.39
N THR A 125 -1.02 -3.64 -0.39
N THR A 125 -1.29 -3.66 -0.37
N THR A 125 -1.29 -3.66 -0.38
CA THR A 125 -1.99 -3.85 -1.47
CA THR A 125 -2.00 -3.85 -1.47
CA THR A 125 -2.34 -3.82 -1.39
CA THR A 125 -2.34 -3.82 -1.39
C THR A 125 -1.49 -3.33 -2.82
C THR A 125 -1.49 -3.33 -2.82
C THR A 125 -1.85 -3.32 -2.75
C THR A 125 -1.85 -3.32 -2.75
N GLY A 126 -0.28 -2.78 -2.88
N GLY A 126 -0.28 -2.78 -2.88
N GLY A 126 -0.61 -2.85 -2.87
N GLY A 126 -0.61 -2.86 -2.86
CA GLY A 126 0.36 -2.38 -4.15
CA GLY A 126 0.36 -2.37 -4.13
CA GLY A 126 -0.03 -2.38 -4.14
CA GLY A 126 -0.02 -2.38 -4.12
C GLY A 126 1.47 -3.30 -4.61
C GLY A 126 1.47 -3.30 -4.61
C GLY A 126 1.03 -3.31 -4.71
C GLY A 126 1.04 -3.30 -4.69
N SER A 127 1.59 -4.52 -4.09
N SER A 127 1.59 -4.51 -4.08
N SER A 127 1.27 -4.46 -4.08
N SER A 127 1.27 -4.46 -4.08
CA SER A 127 2.55 -5.49 -4.64
CA SER A 127 2.55 -5.49 -4.64
CA SER A 127 2.16 -5.49 -4.67
CA SER A 127 2.17 -5.49 -4.67
C SER A 127 2.04 -6.89 -4.33
C SER A 127 2.04 -6.89 -4.33
C SER A 127 1.67 -6.88 -4.33
C SER A 127 1.67 -6.88 -4.33
N SER A 128 2.70 -7.90 -4.85
N SER A 128 2.70 -7.90 -4.85
N SER A 128 2.30 -7.90 -4.89
N SER A 128 2.30 -7.90 -4.89
CA SER A 128 2.12 -9.25 -4.90
CA SER A 128 2.12 -9.26 -4.89
CA SER A 128 1.71 -9.25 -4.90
CA SER A 128 1.71 -9.25 -4.90
C SER A 128 3.10 -10.33 -4.49
C SER A 128 3.11 -10.34 -4.50
C SER A 128 2.72 -10.34 -4.53
C SER A 128 2.72 -10.34 -4.53
N ASP A 129 4.16 -9.96 -3.78
N ASP A 129 4.16 -9.96 -3.79
N ASP A 129 3.80 -9.98 -3.81
N ASP A 129 3.80 -9.98 -3.81
CA ASP A 129 5.16 -10.92 -3.29
CA ASP A 129 5.16 -10.92 -3.29
CA ASP A 129 4.81 -10.95 -3.30
CA ASP A 129 4.81 -10.95 -3.30
C ASP A 129 5.05 -10.98 -1.77
C ASP A 129 5.05 -10.98 -1.77
C ASP A 129 4.73 -11.00 -1.77
C ASP A 129 4.73 -11.00 -1.77
N LEU A 130 4.93 -12.18 -1.22
CA LEU A 130 5.09 -12.38 0.23
C LEU A 130 6.54 -12.76 0.40
N TRP A 131 7.36 -11.84 0.86
CA TRP A 131 8.79 -12.10 0.99
C TRP A 131 9.22 -11.76 2.40
N VAL A 132 10.24 -12.43 2.88
CA VAL A 132 10.69 -12.34 4.28
C VAL A 132 12.20 -12.28 4.35
N PHE A 133 12.67 -11.58 5.34
CA PHE A 133 14.03 -11.82 5.87
C PHE A 133 14.11 -13.25 6.33
N SER A 134 15.24 -13.87 6.10
CA SER A 134 15.38 -15.29 6.33
C SER A 134 16.80 -15.64 6.79
N SER A 135 16.97 -16.92 7.09
CA SER A 135 18.28 -17.55 7.38
C SER A 135 19.16 -17.51 6.14
N GLU A 136 18.64 -17.20 4.98
CA GLU A 136 19.43 -17.11 3.72
C GLU A 136 19.84 -15.67 3.46
N THR A 137 19.33 -14.70 4.18
CA THR A 137 19.61 -13.28 3.86
C THR A 137 21.08 -12.99 4.25
N THR A 138 21.79 -12.41 3.32
CA THR A 138 23.19 -11.94 3.53
C THR A 138 23.30 -11.33 4.93
N ALA A 139 24.20 -11.81 5.78
CA ALA A 139 24.20 -11.46 7.21
C ALA A 139 24.38 -9.96 7.40
N SER A 140 25.23 -9.31 6.60
CA SER A 140 25.47 -7.86 6.71
C SER A 140 24.24 -7.01 6.35
N GLU A 141 23.20 -7.63 5.77
CA GLU A 141 21.96 -6.94 5.32
C GLU A 141 20.85 -7.17 6.34
N VAL A 142 21.14 -7.84 7.43
CA VAL A 142 20.13 -8.07 8.51
C VAL A 142 20.59 -7.23 9.70
N ASP A 143 19.71 -6.40 10.24
CA ASP A 143 19.99 -5.55 11.42
C ASP A 143 18.73 -5.47 12.29
N GLY A 144 18.46 -6.51 13.02
CA GLY A 144 17.41 -6.50 14.05
C GLY A 144 16.12 -7.14 13.58
N GLN A 145 15.97 -7.48 12.30
CA GLN A 145 14.73 -8.15 11.84
C GLN A 145 14.65 -9.54 12.41
N THR A 146 13.44 -10.06 12.59
CA THR A 146 13.18 -11.46 12.84
C THR A 146 13.26 -12.19 11.51
N ILE A 147 13.89 -13.34 11.47
CA ILE A 147 14.08 -14.08 10.21
C ILE A 147 13.26 -15.35 10.24
N TYR A 148 12.81 -15.73 9.04
CA TYR A 148 12.23 -17.05 8.79
C TYR A 148 13.37 -18.04 8.50
N THR A 149 13.35 -19.16 9.20
CA THR A 149 14.34 -20.25 9.00
C THR A 149 13.60 -21.48 8.48
N PRO A 150 13.60 -21.71 7.14
CA PRO A 150 12.84 -22.82 6.62
C PRO A 150 13.30 -24.19 7.14
N SER A 151 14.56 -24.30 7.47
CA SER A 151 15.09 -25.61 7.92
C SER A 151 14.51 -25.98 9.30
N LYS A 152 13.89 -25.05 10.01
CA LYS A 152 13.27 -25.29 11.33
C LYS A 152 11.78 -25.54 11.19
N SER A 153 11.25 -25.52 9.97
CA SER A 153 9.82 -25.73 9.73
C SER A 153 9.61 -27.09 9.12
N THR A 154 8.79 -27.90 9.74
CA THR A 154 8.56 -29.28 9.27
C THR A 154 7.67 -29.25 8.03
N THR A 155 7.01 -28.14 7.72
CA THR A 155 6.10 -28.01 6.56
C THR A 155 6.75 -27.23 5.41
N ALA A 156 7.96 -26.74 5.59
CA ALA A 156 8.63 -25.96 4.52
C ALA A 156 9.14 -26.92 3.44
N LYS A 157 9.05 -26.50 2.19
N LYS A 157 8.93 -26.54 2.19
N LYS A 157 9.04 -26.50 2.19
N LYS A 157 8.93 -26.54 2.19
CA LYS A 157 9.55 -27.30 1.05
CA LYS A 157 9.45 -27.28 1.00
CA LYS A 157 9.55 -27.30 1.05
CA LYS A 157 9.45 -27.28 1.00
C LYS A 157 10.07 -26.34 -0.02
C LYS A 157 10.13 -26.24 0.08
C LYS A 157 10.06 -26.33 -0.01
C LYS A 157 10.12 -26.25 0.08
N LEU A 158 11.33 -26.51 -0.40
CA LEU A 158 11.93 -25.66 -1.44
C LEU A 158 11.04 -25.74 -2.65
N LEU A 159 10.70 -24.64 -3.26
CA LEU A 159 10.04 -24.59 -4.57
C LEU A 159 11.17 -24.57 -5.60
N SER A 160 11.53 -25.79 -6.05
N SER A 160 11.51 -25.77 -6.07
N SER A 160 11.53 -25.79 -6.05
N SER A 160 11.51 -25.78 -6.06
CA SER A 160 12.82 -26.00 -6.74
CA SER A 160 12.77 -26.06 -6.82
CA SER A 160 12.82 -26.00 -6.74
CA SER A 160 12.77 -26.05 -6.81
C SER A 160 12.88 -25.18 -8.03
C SER A 160 12.86 -25.18 -8.06
C SER A 160 12.88 -25.18 -8.03
C SER A 160 12.86 -25.18 -8.06
N GLY A 161 13.96 -24.42 -8.19
CA GLY A 161 14.20 -23.61 -9.37
C GLY A 161 13.60 -22.25 -9.35
N ALA A 162 12.74 -21.97 -8.37
CA ALA A 162 12.00 -20.69 -8.39
C ALA A 162 12.85 -19.59 -7.75
N THR A 163 12.85 -18.46 -8.40
CA THR A 163 13.54 -17.26 -7.86
C THR A 163 12.59 -16.09 -7.98
N TRP A 164 12.97 -15.01 -7.28
CA TRP A 164 12.16 -13.79 -7.33
C TRP A 164 13.12 -12.61 -7.18
N SER A 165 12.62 -11.49 -7.68
CA SER A 165 13.38 -10.24 -7.63
C SER A 165 12.38 -9.14 -7.81
N ILE A 166 12.41 -8.16 -6.92
N ILE A 166 12.41 -8.16 -6.91
N ILE A 166 12.36 -8.18 -6.88
N ILE A 166 12.36 -8.18 -6.88
CA ILE A 166 11.39 -7.10 -6.92
CA ILE A 166 11.39 -7.10 -6.92
CA ILE A 166 11.45 -7.00 -6.97
CA ILE A 166 11.45 -7.01 -6.96
C ILE A 166 12.05 -5.76 -6.60
C ILE A 166 12.05 -5.77 -6.59
C ILE A 166 12.27 -5.72 -6.83
C ILE A 166 12.27 -5.72 -6.83
N SER A 167 11.55 -4.73 -7.25
N SER A 167 11.55 -4.73 -7.24
N SER A 167 11.86 -4.73 -7.60
N SER A 167 11.86 -4.73 -7.60
CA SER A 167 12.02 -3.34 -7.06
CA SER A 167 12.02 -3.34 -7.06
CA SER A 167 12.36 -3.34 -7.54
CA SER A 167 12.36 -3.34 -7.54
C SER A 167 10.78 -2.49 -6.80
C SER A 167 10.79 -2.48 -6.81
C SER A 167 11.16 -2.41 -7.31
C SER A 167 11.16 -2.41 -7.31
N TYR A 168 10.87 -1.53 -5.90
N TYR A 168 10.87 -1.53 -5.89
N TYR A 168 11.17 -1.69 -6.19
N TYR A 168 11.17 -1.69 -6.19
CA TYR A 168 9.73 -0.63 -5.57
CA TYR A 168 9.73 -0.64 -5.57
CA TYR A 168 10.07 -0.79 -5.80
CA TYR A 168 10.07 -0.79 -5.79
C TYR A 168 10.10 0.79 -5.98
C TYR A 168 10.10 0.79 -5.98
C TYR A 168 10.31 0.62 -6.35
C TYR A 168 10.32 0.63 -6.35
N GLY A 169 9.10 1.66 -6.15
N GLY A 169 9.10 1.65 -6.14
N GLY A 169 9.28 1.47 -6.31
N GLY A 169 9.29 1.46 -6.32
CA GLY A 169 9.24 2.99 -6.76
CA GLY A 169 9.24 2.99 -6.75
CA GLY A 169 9.35 2.84 -6.85
CA GLY A 169 9.35 2.84 -6.85
C GLY A 169 10.07 3.94 -5.91
C GLY A 169 10.07 3.94 -5.91
C GLY A 169 10.29 3.74 -6.08
C GLY A 169 10.29 3.74 -6.08
N ASP A 170 10.58 3.50 -4.77
N ASP A 170 10.58 3.50 -4.77
N ASP A 170 10.57 3.46 -4.79
N ASP A 170 10.56 3.46 -4.80
CA ASP A 170 11.51 4.30 -3.91
CA ASP A 170 11.51 4.29 -3.90
CA ASP A 170 11.48 4.27 -3.94
CA ASP A 170 11.48 4.27 -3.94
C ASP A 170 12.96 3.84 -4.15
C ASP A 170 12.96 3.84 -4.15
C ASP A 170 12.94 3.89 -4.20
C ASP A 170 12.94 3.89 -4.20
N GLY A 171 13.20 2.97 -5.13
CA GLY A 171 14.55 2.50 -5.46
C GLY A 171 15.01 1.32 -4.66
N SER A 172 14.14 0.84 -3.74
N SER A 172 14.14 0.84 -3.74
N SER A 172 14.20 0.86 -3.70
N SER A 172 14.20 0.86 -3.70
CA SER A 172 14.41 -0.32 -2.86
CA SER A 172 14.40 -0.31 -2.85
CA SER A 172 14.57 -0.31 -2.88
CA SER A 172 14.57 -0.32 -2.87
C SER A 172 14.18 -1.63 -3.61
C SER A 172 14.18 -1.63 -3.61
C SER A 172 14.32 -1.60 -3.68
C SER A 172 14.32 -1.60 -3.68
N SER A 173 14.83 -2.69 -3.15
CA SER A 173 14.79 -3.99 -3.86
C SER A 173 15.09 -5.12 -2.92
N SER A 174 14.72 -6.32 -3.37
CA SER A 174 15.04 -7.56 -2.67
C SER A 174 14.91 -8.71 -3.68
N SER A 175 15.55 -9.80 -3.33
CA SER A 175 15.52 -10.97 -4.23
C SER A 175 15.88 -12.21 -3.47
N GLY A 176 15.58 -13.38 -4.05
CA GLY A 176 15.97 -14.62 -3.40
C GLY A 176 15.34 -15.82 -4.08
N ASP A 177 15.15 -16.82 -3.23
CA ASP A 177 14.54 -18.11 -3.65
C ASP A 177 13.21 -18.32 -2.94
N VAL A 178 12.59 -19.47 -3.07
CA VAL A 178 11.16 -19.62 -2.69
C VAL A 178 10.98 -20.93 -2.00
N TYR A 179 10.21 -20.92 -0.93
CA TYR A 179 9.72 -22.11 -0.20
C TYR A 179 8.22 -22.10 -0.26
N THR A 180 7.57 -23.23 -0.17
CA THR A 180 6.16 -23.26 0.20
C THR A 180 6.07 -23.61 1.65
N ASP A 181 5.07 -23.06 2.33
CA ASP A 181 4.90 -23.34 3.77
C ASP A 181 3.50 -22.95 4.14
N THR A 182 3.14 -23.29 5.36
CA THR A 182 1.84 -22.90 5.94
C THR A 182 1.95 -21.49 6.47
N VAL A 183 1.04 -20.64 6.10
CA VAL A 183 1.04 -19.23 6.53
C VAL A 183 -0.32 -18.95 7.14
N SER A 184 -0.33 -18.33 8.32
CA SER A 184 -1.59 -17.94 8.97
C SER A 184 -1.57 -16.47 9.33
N VAL A 185 -2.67 -15.84 9.10
CA VAL A 185 -2.89 -14.42 9.41
C VAL A 185 -4.12 -14.34 10.24
N GLY A 186 -4.04 -13.93 11.49
CA GLY A 186 -5.26 -13.67 12.28
C GLY A 186 -6.14 -14.88 12.44
N GLY A 187 -5.56 -16.07 12.44
CA GLY A 187 -6.36 -17.30 12.54
C GLY A 187 -6.76 -17.91 11.21
N LEU A 188 -6.51 -17.29 10.08
CA LEU A 188 -6.82 -17.83 8.75
C LEU A 188 -5.58 -18.48 8.20
N THR A 189 -5.63 -19.76 7.83
CA THR A 189 -4.46 -20.55 7.45
C THR A 189 -4.50 -20.89 6.00
N VAL A 190 -3.40 -20.71 5.31
CA VAL A 190 -3.21 -21.18 3.92
C VAL A 190 -2.08 -22.18 3.95
N THR A 191 -2.33 -23.34 3.41
CA THR A 191 -1.25 -24.32 3.15
C THR A 191 -0.66 -24.11 1.75
N GLY A 192 0.60 -24.38 1.61
CA GLY A 192 1.25 -24.32 0.31
C GLY A 192 1.48 -22.90 -0.16
N GLN A 193 1.50 -21.90 0.71
CA GLN A 193 1.77 -20.52 0.30
C GLN A 193 3.21 -20.38 -0.12
N ALA A 194 3.45 -19.67 -1.21
CA ALA A 194 4.81 -19.32 -1.60
C ALA A 194 5.34 -18.26 -0.63
N VAL A 195 6.42 -18.58 0.03
CA VAL A 195 7.16 -17.70 0.97
C VAL A 195 8.49 -17.41 0.29
N GLU A 196 8.66 -16.20 -0.12
CA GLU A 196 9.84 -15.80 -0.90
C GLU A 196 10.92 -15.42 0.09
N SER A 197 11.96 -16.18 0.21
CA SER A 197 13.07 -15.99 1.14
C SER A 197 14.11 -15.07 0.56
N ALA A 198 14.39 -13.95 1.21
CA ALA A 198 15.37 -12.99 0.67
C ALA A 198 16.77 -13.53 0.87
N LYS A 199 17.51 -13.50 -0.21
CA LYS A 199 18.98 -13.63 -0.14
C LYS A 199 19.61 -12.25 -0.08
N LYS A 200 19.01 -11.25 -0.68
CA LYS A 200 19.57 -9.89 -0.74
C LYS A 200 18.43 -8.93 -0.50
N VAL A 201 18.69 -7.89 0.26
CA VAL A 201 17.76 -6.76 0.44
C VAL A 201 18.56 -5.46 0.33
N SER A 202 17.92 -4.43 -0.14
CA SER A 202 18.59 -3.10 -0.25
C SER A 202 18.57 -2.41 1.10
N SER A 203 19.38 -1.36 1.16
CA SER A 203 19.69 -0.67 2.43
C SER A 203 18.43 -0.18 3.14
N SER A 204 17.41 0.29 2.43
CA SER A 204 16.20 0.82 3.09
C SER A 204 15.53 -0.29 3.93
N PHE A 205 15.59 -1.55 3.48
N PHE A 205 15.59 -1.55 3.48
N PHE A 205 15.57 -1.53 3.44
N PHE A 205 15.57 -1.53 3.44
CA PHE A 205 15.03 -2.68 4.24
CA PHE A 205 15.03 -2.68 4.24
CA PHE A 205 14.97 -2.69 4.15
CA PHE A 205 14.97 -2.69 4.15
C PHE A 205 15.90 -2.98 5.45
C PHE A 205 15.90 -2.98 5.45
C PHE A 205 15.86 -3.01 5.37
C PHE A 205 15.86 -3.01 5.37
N THR A 206 17.19 -3.09 5.23
CA THR A 206 18.10 -3.40 6.34
C THR A 206 17.90 -2.40 7.48
N GLU A 207 17.76 -1.14 7.12
CA GLU A 207 17.74 -0.02 8.10
C GLU A 207 16.41 -0.01 8.83
N ASP A 208 15.41 -0.70 8.34
CA ASP A 208 14.09 -0.72 9.02
C ASP A 208 13.96 -2.02 9.83
N SER A 209 14.40 -2.00 11.07
CA SER A 209 14.47 -3.20 11.92
C SER A 209 13.08 -3.71 12.30
N THR A 210 12.05 -2.89 12.11
CA THR A 210 10.69 -3.25 12.55
C THR A 210 9.95 -4.04 11.47
N ILE A 211 10.43 -4.11 10.24
CA ILE A 211 9.69 -4.75 9.14
C ILE A 211 10.44 -6.00 8.73
N ASP A 212 9.85 -7.16 8.92
CA ASP A 212 10.48 -8.45 8.67
C ASP A 212 10.22 -8.95 7.27
N GLY A 213 9.45 -8.21 6.48
CA GLY A 213 9.08 -8.59 5.13
C GLY A 213 7.79 -7.96 4.73
N LEU A 214 7.32 -8.40 3.56
N LEU A 214 7.32 -8.40 3.55
N LEU A 214 7.34 -8.30 3.51
N LEU A 214 7.34 -8.30 3.51
CA LEU A 214 6.14 -7.83 2.87
CA LEU A 214 6.14 -7.82 2.87
CA LEU A 214 6.08 -7.77 2.96
CA LEU A 214 6.08 -7.77 2.96
C LEU A 214 5.12 -8.93 2.63
C LEU A 214 5.12 -8.93 2.63
C LEU A 214 5.12 -8.93 2.71
C LEU A 214 5.12 -8.93 2.71
N LEU A 215 3.84 -8.61 2.76
CA LEU A 215 2.79 -9.54 2.34
C LEU A 215 1.95 -8.82 1.31
N GLY A 216 2.23 -9.10 0.03
N GLY A 216 2.23 -9.10 0.03
N GLY A 216 1.97 -9.29 0.07
N GLY A 216 1.97 -9.29 0.07
CA GLY A 216 1.55 -8.39 -1.06
CA GLY A 216 1.55 -8.40 -1.06
CA GLY A 216 1.29 -8.61 -1.05
CA GLY A 216 1.29 -8.61 -1.05
C GLY A 216 0.12 -8.87 -1.22
C GLY A 216 0.12 -8.87 -1.22
C GLY A 216 -0.19 -8.95 -1.17
C GLY A 216 -0.19 -8.95 -1.17
N LEU A 217 -0.75 -7.89 -1.43
N LEU A 217 -0.75 -7.89 -1.43
N LEU A 217 -1.01 -7.97 -1.51
N LEU A 217 -1.01 -7.97 -1.51
CA LEU A 217 -2.21 -8.09 -1.55
CA LEU A 217 -2.21 -8.09 -1.55
CA LEU A 217 -2.48 -8.16 -1.57
CA LEU A 217 -2.48 -8.16 -1.57
C LEU A 217 -2.74 -7.46 -2.83
C LEU A 217 -2.74 -7.46 -2.83
C LEU A 217 -3.05 -7.50 -2.82
C LEU A 217 -3.05 -7.50 -2.82
N ALA A 218 -1.88 -7.14 -3.79
N ALA A 218 -1.88 -7.14 -3.79
N ALA A 218 -2.20 -7.09 -3.76
N ALA A 218 -2.20 -7.09 -3.76
CA ALA A 218 -2.33 -6.72 -5.14
CA ALA A 218 -2.33 -6.72 -5.14
CA ALA A 218 -2.64 -6.76 -5.12
CA ALA A 218 -2.64 -6.76 -5.12
C ALA A 218 -2.75 -7.99 -5.90
C ALA A 218 -2.75 -7.99 -5.90
C ALA A 218 -2.80 -8.06 -5.92
C ALA A 218 -2.80 -8.06 -5.92
N PHE A 219 -2.86 -7.87 -7.22
N PHE A 219 -2.86 -7.87 -7.22
N PHE A 219 -3.23 -7.94 -7.16
N PHE A 219 -3.22 -7.95 -7.17
CA PHE A 219 -3.32 -9.03 -8.02
CA PHE A 219 -3.32 -9.03 -8.02
CA PHE A 219 -3.59 -9.14 -7.94
CA PHE A 219 -3.59 -9.15 -7.96
C PHE A 219 -2.14 -9.96 -8.28
C PHE A 219 -2.14 -9.96 -8.28
C PHE A 219 -2.31 -9.93 -8.29
C PHE A 219 -2.31 -9.93 -8.29
N SER A 220 -2.44 -11.26 -8.36
CA SER A 220 -1.32 -12.22 -8.49
C SER A 220 -0.56 -12.08 -9.80
N THR A 221 -1.15 -11.41 -10.79
CA THR A 221 -0.47 -11.07 -12.04
C THR A 221 0.81 -10.25 -11.85
N LEU A 222 0.96 -9.55 -10.70
N LEU A 222 0.96 -9.55 -10.70
N LEU A 222 0.97 -9.57 -10.70
N LEU A 222 0.97 -9.57 -10.70
CA LEU A 222 2.21 -8.79 -10.39
CA LEU A 222 2.21 -8.79 -10.39
CA LEU A 222 2.21 -8.79 -10.41
CA LEU A 222 2.21 -8.79 -10.41
C LEU A 222 3.25 -9.63 -9.65
C LEU A 222 3.25 -9.63 -9.65
C LEU A 222 3.24 -9.62 -9.62
C LEU A 222 3.24 -9.62 -9.62
N ASN A 223 2.95 -10.87 -9.27
CA ASN A 223 3.91 -11.66 -8.49
C ASN A 223 5.19 -11.86 -9.32
N THR A 224 6.36 -11.77 -8.72
CA THR A 224 7.62 -11.78 -9.48
C THR A 224 8.26 -13.16 -9.52
N VAL A 225 7.68 -14.19 -8.94
CA VAL A 225 8.35 -15.50 -8.97
C VAL A 225 8.45 -16.03 -10.40
N SER A 226 9.63 -16.53 -10.71
CA SER A 226 9.98 -17.13 -12.02
C SER A 226 10.58 -18.49 -11.75
N PRO A 227 10.31 -19.50 -12.65
CA PRO A 227 9.55 -19.36 -13.88
C PRO A 227 8.06 -19.58 -13.73
N THR A 228 7.60 -19.91 -12.53
CA THR A 228 6.19 -20.22 -12.26
C THR A 228 5.65 -19.14 -11.32
N GLN A 229 4.83 -18.26 -11.85
N GLN A 229 4.85 -18.23 -11.84
CA GLN A 229 4.30 -17.16 -11.02
CA GLN A 229 4.30 -17.14 -11.01
C GLN A 229 3.49 -17.80 -9.88
C GLN A 229 3.42 -17.74 -9.90
N GLN A 230 3.50 -17.14 -8.71
CA GLN A 230 2.78 -17.62 -7.53
C GLN A 230 1.61 -16.72 -7.13
N LYS A 231 0.70 -17.30 -6.40
CA LYS A 231 -0.47 -16.57 -5.89
C LYS A 231 -0.24 -15.88 -4.58
N THR A 232 -0.93 -14.76 -4.40
CA THR A 232 -0.92 -14.07 -3.10
C THR A 232 -1.62 -14.90 -2.02
N PHE A 233 -1.34 -14.53 -0.79
CA PHE A 233 -2.07 -15.13 0.36
C PHE A 233 -3.56 -14.98 0.16
N PHE A 234 -4.05 -13.81 -0.25
CA PHE A 234 -5.51 -13.61 -0.43
C PHE A 234 -6.03 -14.50 -1.55
N ASP A 235 -5.32 -14.56 -2.66
CA ASP A 235 -5.80 -15.42 -3.76
C ASP A 235 -5.81 -16.88 -3.33
N ASN A 236 -4.88 -17.39 -2.56
CA ASN A 236 -4.88 -18.76 -2.07
C ASN A 236 -5.99 -18.93 -1.04
N ALA A 237 -6.29 -17.95 -0.22
CA ALA A 237 -7.32 -18.08 0.82
C ALA A 237 -8.73 -17.99 0.28
N LYS A 238 -8.92 -17.31 -0.84
N LYS A 238 -8.91 -17.36 -0.87
N LYS A 238 -8.92 -17.30 -0.83
N LYS A 238 -8.90 -17.35 -0.86
CA LYS A 238 -10.25 -16.80 -1.30
CA LYS A 238 -10.21 -16.81 -1.35
CA LYS A 238 -10.25 -16.81 -1.29
CA LYS A 238 -10.21 -16.85 -1.37
C LYS A 238 -11.33 -17.88 -1.22
C LYS A 238 -11.37 -17.82 -1.37
C LYS A 238 -11.33 -17.89 -1.21
C LYS A 238 -11.34 -17.87 -1.27
N ALA A 239 -11.09 -19.04 -1.84
CA ALA A 239 -12.12 -20.07 -2.03
C ALA A 239 -12.61 -20.52 -0.66
N SER A 240 -11.75 -20.53 0.36
CA SER A 240 -12.05 -20.95 1.76
C SER A 240 -12.80 -19.85 2.52
N LEU A 241 -12.70 -18.60 2.11
CA LEU A 241 -13.27 -17.49 2.88
C LEU A 241 -14.77 -17.48 2.86
N ASP A 242 -15.39 -16.98 3.89
CA ASP A 242 -16.86 -16.85 3.93
C ASP A 242 -17.36 -15.93 2.81
N SER A 243 -16.56 -14.92 2.45
N SER A 243 -16.66 -14.81 2.56
CA SER A 243 -16.84 -13.89 1.43
CA SER A 243 -16.88 -13.88 1.43
C SER A 243 -15.48 -13.56 0.85
C SER A 243 -15.51 -13.53 0.86
N PRO A 244 -15.36 -13.36 -0.47
CA PRO A 244 -14.04 -13.20 -1.08
C PRO A 244 -13.52 -11.76 -0.98
N VAL A 245 -13.26 -11.33 0.24
CA VAL A 245 -12.98 -9.92 0.56
C VAL A 245 -11.91 -9.88 1.63
N PHE A 246 -11.21 -8.75 1.67
CA PHE A 246 -10.48 -8.38 2.88
C PHE A 246 -10.71 -6.91 3.09
N THR A 247 -10.52 -6.44 4.32
CA THR A 247 -10.79 -5.06 4.67
C THR A 247 -9.55 -4.50 5.37
N ALA A 248 -9.30 -3.24 5.12
CA ALA A 248 -8.23 -2.49 5.77
C ALA A 248 -8.82 -1.38 6.57
N ASP A 249 -8.51 -1.33 7.86
CA ASP A 249 -9.00 -0.35 8.78
C ASP A 249 -7.81 0.21 9.53
N LEU A 250 -7.06 1.08 8.89
CA LEU A 250 -5.79 1.57 9.46
C LEU A 250 -6.10 2.66 10.45
N GLY A 251 -5.34 2.71 11.52
CA GLY A 251 -5.44 3.77 12.52
C GLY A 251 -4.59 4.97 12.24
N TYR A 252 -5.00 6.09 12.73
CA TYR A 252 -4.19 7.32 12.81
C TYR A 252 -3.48 7.30 14.15
N HIS A 253 -2.19 7.15 14.09
CA HIS A 253 -1.35 7.12 15.29
C HIS A 253 -1.90 6.09 16.26
N ALA A 254 -2.34 4.93 15.77
CA ALA A 254 -3.02 3.94 16.60
C ALA A 254 -3.07 2.66 15.79
N PRO A 255 -3.21 1.51 16.44
CA PRO A 255 -3.40 0.26 15.72
C PRO A 255 -4.75 0.25 14.98
N GLY A 256 -4.80 -0.69 14.06
CA GLY A 256 -6.01 -0.91 13.25
C GLY A 256 -6.13 -2.37 12.98
N THR A 257 -6.89 -2.73 11.94
CA THR A 257 -7.25 -4.12 11.70
C THR A 257 -7.24 -4.46 10.22
N TYR A 258 -6.78 -5.63 9.88
CA TYR A 258 -6.99 -6.30 8.59
C TYR A 258 -7.88 -7.50 8.87
N ASN A 259 -9.03 -7.53 8.18
CA ASN A 259 -9.92 -8.70 8.26
C ASN A 259 -9.97 -9.38 6.93
N PHE A 260 -10.11 -10.70 6.94
CA PHE A 260 -10.23 -11.54 5.74
C PHE A 260 -11.53 -12.31 5.84
N GLY A 261 -12.37 -12.20 4.82
CA GLY A 261 -13.53 -13.07 4.65
C GLY A 261 -14.75 -12.53 5.21
N PHE A 262 -14.80 -11.34 5.78
CA PHE A 262 -16.03 -10.77 6.34
C PHE A 262 -15.88 -9.28 6.43
N ILE A 263 -17.00 -8.59 6.52
N ILE A 263 -17.02 -8.58 6.34
N ILE A 263 -17.00 -8.59 6.52
N ILE A 263 -17.02 -8.58 6.34
CA ILE A 263 -17.06 -7.11 6.64
CA ILE A 263 -17.19 -7.15 6.72
CA ILE A 263 -17.06 -7.11 6.64
CA ILE A 263 -17.19 -7.15 6.72
C ILE A 263 -17.66 -6.82 8.02
C ILE A 263 -17.60 -7.04 8.18
C ILE A 263 -17.66 -6.82 8.02
C ILE A 263 -17.60 -7.04 8.17
N ASP A 264 -16.84 -6.27 8.94
CA ASP A 264 -17.26 -5.94 10.30
C ASP A 264 -18.14 -4.72 10.23
N THR A 265 -19.46 -4.91 10.34
CA THR A 265 -20.41 -3.79 10.20
C THR A 265 -20.32 -2.89 11.42
N THR A 266 -19.61 -3.22 12.48
CA THR A 266 -19.41 -2.34 13.65
C THR A 266 -18.22 -1.39 13.43
N ALA A 267 -17.42 -1.59 12.38
CA ALA A 267 -16.13 -0.88 12.26
C ALA A 267 -16.27 0.40 11.45
N TYR A 268 -17.44 0.76 10.94
CA TYR A 268 -17.60 1.98 10.14
C TYR A 268 -18.93 2.62 10.45
N THR A 269 -19.11 3.84 10.02
CA THR A 269 -20.33 4.64 10.18
C THR A 269 -20.99 4.78 8.82
N GLY A 270 -22.29 4.94 8.80
CA GLY A 270 -23.04 5.13 7.54
C GLY A 270 -22.95 3.90 6.68
N SER A 271 -22.90 4.09 5.36
N SER A 271 -22.89 4.11 5.36
N SER A 271 -22.90 4.09 5.36
N SER A 271 -22.89 4.11 5.36
CA SER A 271 -22.87 2.97 4.39
CA SER A 271 -22.88 3.05 4.33
CA SER A 271 -22.87 2.97 4.39
CA SER A 271 -22.88 3.05 4.33
C SER A 271 -21.52 2.91 3.67
C SER A 271 -21.49 2.90 3.72
C SER A 271 -21.52 2.91 3.67
C SER A 271 -21.49 2.91 3.71
N ILE A 272 -21.25 1.77 3.08
CA ILE A 272 -20.04 1.56 2.27
C ILE A 272 -20.44 1.92 0.85
N THR A 273 -19.65 2.78 0.20
CA THR A 273 -19.83 3.10 -1.23
C THR A 273 -18.86 2.31 -2.04
N TYR A 274 -19.31 1.48 -2.93
CA TYR A 274 -18.48 0.67 -3.79
C TYR A 274 -18.21 1.35 -5.12
N THR A 275 -17.07 1.12 -5.66
CA THR A 275 -16.62 1.75 -6.91
C THR A 275 -15.85 0.75 -7.71
N ALA A 276 -15.86 0.91 -9.05
CA ALA A 276 -15.24 -0.04 -9.95
C ALA A 276 -13.74 -0.08 -9.85
N VAL A 277 -13.20 -1.26 -10.07
N VAL A 277 -13.20 -1.26 -10.07
N VAL A 277 -13.20 -1.26 -10.11
N VAL A 277 -13.20 -1.26 -10.11
CA VAL A 277 -11.74 -1.51 -10.11
CA VAL A 277 -11.74 -1.51 -10.11
CA VAL A 277 -11.75 -1.52 -10.09
CA VAL A 277 -11.75 -1.52 -10.09
C VAL A 277 -11.35 -1.88 -11.54
C VAL A 277 -11.35 -1.88 -11.54
C VAL A 277 -11.35 -2.07 -11.45
C VAL A 277 -11.34 -2.07 -11.45
N SER A 278 -10.21 -1.38 -11.99
N SER A 278 -10.21 -1.38 -11.99
N SER A 278 -10.28 -1.52 -12.01
N SER A 278 -10.28 -1.52 -12.01
CA SER A 278 -9.47 -1.90 -13.15
CA SER A 278 -9.47 -1.90 -13.15
CA SER A 278 -9.57 -2.12 -13.14
CA SER A 278 -9.57 -2.12 -13.14
C SER A 278 -8.33 -2.77 -12.63
C SER A 278 -8.33 -2.77 -12.63
C SER A 278 -8.40 -2.94 -12.61
C SER A 278 -8.40 -2.94 -12.62
N THR A 279 -8.22 -4.02 -13.06
N THR A 279 -8.22 -4.02 -13.06
N THR A 279 -8.30 -4.17 -13.08
N THR A 279 -8.30 -4.17 -13.08
CA THR A 279 -7.08 -4.90 -12.72
CA THR A 279 -7.08 -4.90 -12.72
CA THR A 279 -7.16 -5.06 -12.77
CA THR A 279 -7.15 -5.05 -12.77
C THR A 279 -6.06 -4.93 -13.86
C THR A 279 -6.06 -4.93 -13.86
C THR A 279 -6.12 -5.02 -13.90
C THR A 279 -6.12 -5.02 -13.90
N LYS A 280 -6.27 -4.12 -14.89
CA LYS A 280 -5.40 -4.13 -16.10
C LYS A 280 -3.91 -3.95 -15.80
N GLN A 281 -3.57 -3.17 -14.76
N GLN A 281 -3.57 -3.17 -14.76
N GLN A 281 -3.57 -3.25 -14.73
N GLN A 281 -3.57 -3.25 -14.73
CA GLN A 281 -2.17 -2.93 -14.34
CA GLN A 281 -2.17 -2.92 -14.34
CA GLN A 281 -2.14 -3.06 -14.36
CA GLN A 281 -2.14 -3.06 -14.36
C GLN A 281 -1.80 -3.77 -13.10
C GLN A 281 -1.80 -3.77 -13.11
C GLN A 281 -1.80 -3.97 -13.17
C GLN A 281 -1.80 -3.95 -13.16
N GLY A 282 -2.67 -4.67 -12.64
N GLY A 282 -2.67 -4.67 -12.64
N GLY A 282 -2.79 -4.68 -12.61
N GLY A 282 -2.79 -4.68 -12.61
CA GLY A 282 -2.36 -5.55 -11.49
CA GLY A 282 -2.36 -5.55 -11.50
CA GLY A 282 -2.61 -5.63 -11.49
CA GLY A 282 -2.61 -5.63 -11.50
C GLY A 282 -2.68 -4.93 -10.16
C GLY A 282 -2.68 -4.93 -10.16
C GLY A 282 -2.79 -4.98 -10.14
C GLY A 282 -2.78 -4.98 -10.14
N PHE A 283 -3.33 -3.76 -10.11
N PHE A 283 -3.33 -3.76 -10.12
N PHE A 283 -2.97 -3.66 -10.10
N PHE A 283 -2.97 -3.67 -10.10
CA PHE A 283 -3.56 -2.98 -8.88
CA PHE A 283 -3.56 -2.98 -8.88
CA PHE A 283 -3.21 -2.93 -8.84
CA PHE A 283 -3.21 -2.93 -8.84
C PHE A 283 -5.04 -2.92 -8.55
C PHE A 283 -5.04 -2.92 -8.55
C PHE A 283 -4.71 -2.86 -8.60
C PHE A 283 -4.71 -2.86 -8.60
N TRP A 284 -5.33 -2.44 -7.35
N TRP A 284 -5.33 -2.44 -7.34
N TRP A 284 -5.08 -2.51 -7.37
N TRP A 284 -5.09 -2.52 -7.37
CA TRP A 284 -6.69 -2.02 -6.93
CA TRP A 284 -6.69 -2.02 -6.93
CA TRP A 284 -6.46 -2.11 -7.02
CA TRP A 284 -6.46 -2.11 -7.02
C TRP A 284 -6.89 -0.59 -7.42
C TRP A 284 -6.89 -0.60 -7.43
C TRP A 284 -6.64 -0.67 -7.51
C TRP A 284 -6.65 -0.68 -7.50
N GLU A 285 -7.02 -0.50 -8.75
N GLU A 285 -7.01 -0.49 -8.75
N GLU A 285 -6.94 -0.51 -8.80
N GLU A 285 -6.94 -0.51 -8.80
CA GLU A 285 -7.05 0.79 -9.48
CA GLU A 285 -7.05 0.79 -9.48
CA GLU A 285 -6.98 0.80 -9.47
CA GLU A 285 -6.98 0.80 -9.47
C GLU A 285 -8.51 1.23 -9.59
C GLU A 285 -8.50 1.22 -9.60
C GLU A 285 -8.43 1.25 -9.68
C GLU A 285 -8.43 1.25 -9.68
N TRP A 286 -8.76 2.47 -9.25
CA TRP A 286 -10.11 2.99 -9.22
C TRP A 286 -10.07 4.46 -9.60
N THR A 287 -11.21 5.08 -9.68
CA THR A 287 -11.31 6.50 -10.09
C THR A 287 -12.08 7.28 -9.08
N SER A 288 -11.40 8.16 -8.35
CA SER A 288 -12.06 9.09 -7.45
C SER A 288 -12.85 10.13 -8.25
N THR A 289 -13.91 10.61 -7.69
CA THR A 289 -14.80 11.56 -8.38
C THR A 289 -14.45 13.00 -8.08
N GLY A 290 -13.45 13.29 -7.26
CA GLY A 290 -13.06 14.69 -7.09
C GLY A 290 -12.49 14.96 -5.72
N TYR A 291 -12.39 16.24 -5.39
CA TYR A 291 -11.74 16.58 -4.13
C TYR A 291 -12.21 17.91 -3.63
N ALA A 292 -11.97 18.18 -2.38
CA ALA A 292 -12.12 19.52 -1.80
C ALA A 292 -10.97 19.76 -0.86
N VAL A 293 -10.62 21.02 -0.68
CA VAL A 293 -9.59 21.42 0.28
C VAL A 293 -10.26 22.13 1.43
N GLY A 294 -10.09 21.70 2.64
CA GLY A 294 -10.72 22.32 3.79
C GLY A 294 -12.20 22.43 3.60
N SER A 295 -12.73 23.62 3.89
N SER A 295 -12.73 23.62 3.91
N SER A 295 -12.73 23.62 3.89
N SER A 295 -12.73 23.62 3.91
CA SER A 295 -14.20 23.88 3.78
CA SER A 295 -14.16 23.97 3.80
CA SER A 295 -14.19 23.88 3.78
CA SER A 295 -14.17 23.96 3.79
C SER A 295 -14.58 24.32 2.36
C SER A 295 -14.48 24.55 2.42
C SER A 295 -14.58 24.32 2.36
C SER A 295 -14.48 24.55 2.42
N GLY A 296 -13.65 24.28 1.41
CA GLY A 296 -13.90 24.71 0.03
C GLY A 296 -14.90 23.86 -0.71
N THR A 297 -15.30 24.37 -1.85
CA THR A 297 -16.23 23.68 -2.74
C THR A 297 -15.59 22.41 -3.28
N PHE A 298 -16.39 21.40 -3.48
CA PHE A 298 -15.93 20.16 -4.08
C PHE A 298 -15.73 20.37 -5.56
N LYS A 299 -14.61 19.93 -6.10
CA LYS A 299 -14.29 19.95 -7.52
C LYS A 299 -14.51 18.58 -8.07
N SER A 300 -15.51 18.43 -8.96
CA SER A 300 -15.79 17.16 -9.64
C SER A 300 -14.75 16.96 -10.70
N THR A 301 -13.96 15.91 -10.64
CA THR A 301 -12.88 15.63 -11.58
C THR A 301 -12.48 14.18 -11.37
N SER A 302 -12.25 13.44 -12.39
CA SER A 302 -11.87 12.02 -12.33
C SER A 302 -10.43 11.93 -11.97
N ILE A 303 -10.07 11.18 -10.93
CA ILE A 303 -8.66 10.98 -10.51
C ILE A 303 -8.43 9.48 -10.43
N ASP A 304 -7.91 8.90 -11.49
N ASP A 304 -7.68 8.92 -11.36
N ASP A 304 -7.69 8.91 -11.36
CA ASP A 304 -7.50 7.48 -11.52
CA ASP A 304 -7.35 7.47 -11.41
CA ASP A 304 -7.40 7.47 -11.39
C ASP A 304 -6.45 7.33 -10.43
C ASP A 304 -6.11 7.17 -10.55
C ASP A 304 -6.15 7.16 -10.57
N GLY A 305 -6.50 6.26 -9.65
N GLY A 305 -6.56 6.34 -9.60
N GLY A 305 -6.19 6.18 -9.67
N GLY A 305 -6.19 6.17 -9.69
CA GLY A 305 -5.43 6.00 -8.69
CA GLY A 305 -5.40 6.03 -8.75
CA GLY A 305 -5.03 5.79 -8.86
CA GLY A 305 -5.02 5.78 -8.90
C GLY A 305 -5.54 4.63 -8.08
C GLY A 305 -5.52 4.66 -8.10
C GLY A 305 -5.18 4.41 -8.28
C GLY A 305 -5.18 4.41 -8.30
N ILE A 306 -4.54 4.26 -7.32
N ILE A 306 -4.55 4.28 -7.33
N ILE A 306 -4.26 4.05 -7.41
N ILE A 306 -4.26 4.05 -7.41
CA ILE A 306 -4.57 2.92 -6.72
CA ILE A 306 -4.58 2.93 -6.72
CA ILE A 306 -4.23 2.72 -6.75
CA ILE A 306 -4.23 2.73 -6.75
C ILE A 306 -4.76 3.05 -5.22
C ILE A 306 -4.76 3.06 -5.22
C ILE A 306 -4.47 2.89 -5.24
C ILE A 306 -4.48 2.88 -5.24
N ALA A 307 -5.30 2.01 -4.65
CA ALA A 307 -5.43 1.90 -3.19
C ALA A 307 -4.26 1.09 -2.72
N ASP A 308 -3.30 1.68 -1.99
N ASP A 308 -3.30 1.68 -1.99
N ASP A 308 -3.31 1.73 -2.05
N ASP A 308 -3.30 1.72 -2.05
CA ASP A 308 -1.97 1.08 -1.75
CA ASP A 308 -1.97 1.08 -1.75
CA ASP A 308 -2.02 1.09 -1.72
CA ASP A 308 -2.01 1.09 -1.72
C ASP A 308 -1.53 1.20 -0.29
C ASP A 308 -1.53 1.20 -0.29
C ASP A 308 -1.69 1.26 -0.23
C ASP A 308 -1.69 1.25 -0.23
N THR A 309 -1.88 0.19 0.52
CA THR A 309 -1.54 0.23 1.94
C THR A 309 -0.05 0.27 2.17
N GLY A 310 0.80 -0.06 1.21
N GLY A 310 0.80 -0.05 1.20
N GLY A 310 0.72 -0.12 1.17
N GLY A 310 0.72 -0.12 1.17
CA GLY A 310 2.27 -0.03 1.37
CA GLY A 310 2.27 -0.04 1.36
CA GLY A 310 2.18 -0.15 1.22
CA GLY A 310 2.18 -0.15 1.22
C GLY A 310 2.94 1.24 0.85
C GLY A 310 2.93 1.23 0.85
C GLY A 310 2.79 1.23 1.11
C GLY A 310 2.79 1.23 1.11
N THR A 311 2.15 2.29 0.64
N THR A 311 2.16 2.29 0.63
N THR A 311 2.00 2.21 0.67
N THR A 311 2.00 2.21 0.66
CA THR A 311 2.68 3.65 0.41
CA THR A 311 2.68 3.65 0.41
CA THR A 311 2.45 3.61 0.45
CA THR A 311 2.45 3.61 0.45
C THR A 311 2.16 4.53 1.54
C THR A 311 2.15 4.52 1.53
C THR A 311 2.06 4.45 1.66
C THR A 311 2.06 4.45 1.66
N THR A 312 3.05 5.26 2.17
N THR A 312 3.05 5.26 2.17
N THR A 312 3.00 5.23 2.17
N THR A 312 3.00 5.23 2.17
CA THR A 312 2.70 6.05 3.37
CA THR A 312 2.70 6.05 3.37
CA THR A 312 2.72 6.07 3.36
CA THR A 312 2.72 6.07 3.37
C THR A 312 1.77 7.22 3.03
C THR A 312 1.77 7.22 3.03
C THR A 312 1.77 7.22 3.03
C THR A 312 1.77 7.22 3.03
N LEU A 313 2.09 7.95 1.97
N LEU A 313 2.09 7.95 1.97
N LEU A 313 2.09 7.95 1.97
N LEU A 313 2.09 7.95 1.97
CA LEU A 313 1.46 9.26 1.70
CA LEU A 313 1.46 9.26 1.70
CA LEU A 313 1.46 9.26 1.70
CA LEU A 313 1.46 9.26 1.70
C LEU A 313 0.40 9.18 0.60
C LEU A 313 0.40 9.18 0.60
C LEU A 313 0.40 9.18 0.60
C LEU A 313 0.40 9.18 0.60
N LEU A 314 -0.23 10.32 0.33
CA LEU A 314 -1.25 10.47 -0.71
C LEU A 314 -0.58 11.22 -1.85
N TYR A 315 -0.44 10.59 -3.02
N TYR A 315 -0.44 10.59 -3.02
N TYR A 315 -0.50 10.59 -3.02
N TYR A 315 -0.50 10.59 -3.02
CA TYR A 315 0.21 11.19 -4.20
CA TYR A 315 0.21 11.19 -4.20
CA TYR A 315 0.12 11.15 -4.24
CA TYR A 315 0.12 11.15 -4.24
C TYR A 315 -0.85 11.45 -5.29
C TYR A 315 -0.85 11.45 -5.29
C TYR A 315 -0.97 11.45 -5.24
C TYR A 315 -0.97 11.45 -5.24
N LEU A 316 -1.07 12.73 -5.60
CA LEU A 316 -2.14 13.20 -6.49
C LEU A 316 -1.56 14.11 -7.54
N PRO A 317 -2.37 14.46 -8.55
CA PRO A 317 -1.86 15.31 -9.62
C PRO A 317 -1.39 16.65 -9.10
N ALA A 318 -0.41 17.22 -9.78
CA ALA A 318 0.20 18.47 -9.33
C ALA A 318 -0.79 19.58 -9.17
N THR A 319 -1.82 19.65 -10.00
CA THR A 319 -2.86 20.69 -9.88
C THR A 319 -3.54 20.62 -8.51
N VAL A 320 -3.91 19.39 -8.15
CA VAL A 320 -4.67 19.12 -6.88
C VAL A 320 -3.78 19.46 -5.70
N VAL A 321 -2.55 19.01 -5.74
CA VAL A 321 -1.60 19.17 -4.64
C VAL A 321 -1.27 20.64 -4.45
N SER A 322 -1.08 21.38 -5.57
CA SER A 322 -0.83 22.83 -5.46
C SER A 322 -2.01 23.54 -4.82
N ALA A 323 -3.21 23.17 -5.22
CA ALA A 323 -4.42 23.76 -4.64
C ALA A 323 -4.51 23.51 -3.13
N TYR A 324 -4.09 22.32 -2.71
CA TYR A 324 -4.10 22.04 -1.27
C TYR A 324 -3.08 22.90 -0.55
N TRP A 325 -1.84 22.88 -0.96
CA TRP A 325 -0.77 23.56 -0.20
C TRP A 325 -0.87 25.07 -0.31
N ALA A 326 -1.56 25.59 -1.31
CA ALA A 326 -1.78 27.04 -1.43
C ALA A 326 -2.58 27.53 -0.22
N GLN A 327 -3.29 26.65 0.46
CA GLN A 327 -4.11 27.05 1.63
C GLN A 327 -3.27 27.01 2.90
N VAL A 328 -2.00 26.76 2.88
CA VAL A 328 -1.12 26.67 4.07
C VAL A 328 -0.06 27.75 3.92
N SER A 329 -0.09 28.75 4.82
N SER A 329 -0.12 28.79 4.75
N SER A 329 -0.08 28.75 4.81
N SER A 329 -0.12 28.79 4.75
CA SER A 329 0.87 29.88 4.79
CA SER A 329 0.83 29.92 4.69
CA SER A 329 0.88 29.87 4.76
CA SER A 329 0.83 29.92 4.69
C SER A 329 2.28 29.33 4.90
C SER A 329 2.25 29.37 4.89
C SER A 329 2.28 29.33 4.90
C SER A 329 2.25 29.37 4.89
N GLY A 330 3.15 29.68 3.96
CA GLY A 330 4.53 29.28 4.02
C GLY A 330 4.83 27.90 3.46
N ALA A 331 3.82 27.17 2.97
CA ALA A 331 4.13 25.87 2.37
C ALA A 331 4.76 26.05 1.00
N LYS A 332 5.64 25.13 0.63
CA LYS A 332 6.33 25.25 -0.64
C LYS A 332 6.80 23.88 -1.01
N SER A 333 7.06 23.69 -2.30
CA SER A 333 7.69 22.49 -2.78
C SER A 333 9.20 22.71 -2.75
N SER A 334 9.92 21.87 -2.07
CA SER A 334 11.39 21.94 -1.89
C SER A 334 12.03 20.82 -2.71
N SER A 335 12.84 21.19 -3.72
N SER A 335 12.82 21.22 -3.71
N SER A 335 12.84 21.19 -3.72
N SER A 335 12.81 21.23 -3.71
CA SER A 335 13.64 20.22 -4.50
CA SER A 335 13.68 20.33 -4.51
CA SER A 335 13.63 20.21 -4.49
CA SER A 335 13.69 20.35 -4.51
C SER A 335 14.73 19.61 -3.59
C SER A 335 14.69 19.63 -3.59
C SER A 335 14.73 19.61 -3.59
C SER A 335 14.69 19.64 -3.59
N SER A 336 15.26 20.36 -2.63
CA SER A 336 16.27 19.81 -1.68
C SER A 336 15.65 18.70 -0.82
N VAL A 337 14.43 18.88 -0.32
CA VAL A 337 13.82 17.86 0.57
C VAL A 337 13.14 16.77 -0.25
N GLY A 338 12.62 17.11 -1.44
CA GLY A 338 11.92 16.21 -2.36
C GLY A 338 10.42 16.19 -2.12
N GLY A 339 9.84 17.34 -1.90
CA GLY A 339 8.38 17.49 -1.95
C GLY A 339 7.96 18.69 -1.15
N TYR A 340 6.67 18.80 -0.95
CA TYR A 340 6.07 19.91 -0.19
C TYR A 340 6.40 19.76 1.29
N VAL A 341 6.80 20.90 1.80
CA VAL A 341 7.07 21.14 3.24
C VAL A 341 6.26 22.34 3.66
N PHE A 342 6.07 22.44 4.96
CA PHE A 342 5.23 23.50 5.52
C PHE A 342 5.77 23.84 6.90
N PRO A 343 5.43 25.07 7.38
CA PRO A 343 5.88 25.45 8.72
C PRO A 343 5.23 24.58 9.76
N CYS A 344 6.06 24.05 10.66
CA CYS A 344 5.52 23.18 11.70
C CYS A 344 4.50 23.94 12.61
N SER A 345 4.51 25.26 12.61
CA SER A 345 3.51 26.07 13.35
C SER A 345 2.15 26.05 12.68
N ALA A 346 1.98 25.53 11.49
CA ALA A 346 0.70 25.64 10.75
C ALA A 346 -0.32 24.70 11.33
N THR A 347 -1.58 25.09 11.13
CA THR A 347 -2.74 24.18 11.29
C THR A 347 -3.14 23.80 9.88
N LEU A 348 -3.13 22.52 9.55
CA LEU A 348 -3.44 22.07 8.17
C LEU A 348 -4.94 21.91 7.95
N PRO A 349 -5.41 22.26 6.77
CA PRO A 349 -6.80 22.01 6.38
C PRO A 349 -6.98 20.51 6.09
N SER A 350 -8.24 20.10 6.17
CA SER A 350 -8.60 18.76 5.76
C SER A 350 -8.54 18.63 4.24
N PHE A 351 -8.60 17.41 3.77
CA PHE A 351 -8.69 17.11 2.35
C PHE A 351 -9.78 16.10 2.13
N THR A 352 -10.69 16.37 1.25
CA THR A 352 -11.80 15.44 0.96
C THR A 352 -11.58 14.78 -0.38
N PHE A 353 -11.80 13.49 -0.53
CA PHE A 353 -11.79 12.85 -1.85
C PHE A 353 -13.13 12.17 -2.05
N GLY A 354 -13.57 12.14 -3.31
CA GLY A 354 -14.86 11.52 -3.69
C GLY A 354 -14.69 10.06 -4.00
N VAL A 355 -15.73 9.33 -3.58
CA VAL A 355 -15.94 7.91 -3.93
C VAL A 355 -17.37 7.85 -4.44
N GLY A 356 -17.54 7.81 -5.75
CA GLY A 356 -18.90 8.02 -6.28
C GLY A 356 -19.48 9.29 -5.75
N SER A 357 -20.72 9.26 -5.26
N SER A 357 -20.71 9.22 -5.23
N SER A 357 -20.73 9.27 -5.26
N SER A 357 -20.71 9.23 -5.24
CA SER A 357 -21.38 10.45 -4.65
CA SER A 357 -21.42 10.39 -4.65
CA SER A 357 -21.38 10.45 -4.65
CA SER A 357 -21.41 10.40 -4.65
C SER A 357 -21.01 10.63 -3.17
C SER A 357 -21.02 10.62 -3.19
C SER A 357 -21.01 10.63 -3.17
C SER A 357 -21.01 10.62 -3.18
N ALA A 358 -20.22 9.72 -2.61
CA ALA A 358 -19.78 9.81 -1.23
C ALA A 358 -18.47 10.62 -1.10
N ARG A 359 -18.16 10.96 0.11
CA ARG A 359 -16.97 11.82 0.37
C ARG A 359 -16.23 11.21 1.56
N ILE A 360 -14.93 11.10 1.49
CA ILE A 360 -14.07 10.73 2.64
C ILE A 360 -13.26 11.96 2.99
N VAL A 361 -13.31 12.34 4.24
CA VAL A 361 -12.58 13.51 4.74
C VAL A 361 -11.35 13.07 5.49
N ILE A 362 -10.18 13.48 5.02
CA ILE A 362 -8.89 13.30 5.70
C ILE A 362 -8.68 14.49 6.60
N PRO A 363 -8.67 14.35 7.93
CA PRO A 363 -8.41 15.48 8.79
C PRO A 363 -7.02 16.05 8.53
N GLY A 364 -6.89 17.38 8.75
CA GLY A 364 -5.60 18.02 8.54
C GLY A 364 -4.46 17.37 9.30
N ASP A 365 -4.69 16.91 10.52
N ASP A 365 -4.69 16.91 10.52
N ASP A 365 -4.69 16.91 10.52
N ASP A 365 -4.71 16.91 10.52
CA ASP A 365 -3.59 16.34 11.32
CA ASP A 365 -3.61 16.34 11.35
CA ASP A 365 -3.59 16.35 11.31
CA ASP A 365 -3.62 16.34 11.35
C ASP A 365 -3.01 15.10 10.62
C ASP A 365 -3.02 15.10 10.66
C ASP A 365 -3.00 15.11 10.63
C ASP A 365 -3.02 15.10 10.66
N TYR A 366 -3.79 14.40 9.84
CA TYR A 366 -3.31 13.18 9.15
C TYR A 366 -2.23 13.54 8.11
N ILE A 367 -2.19 14.80 7.69
CA ILE A 367 -1.33 15.26 6.58
C ILE A 367 -0.02 15.77 7.14
N ASP A 368 0.14 15.81 8.46
N ASP A 368 0.15 15.75 8.47
CA ASP A 368 1.41 16.24 9.10
CA ASP A 368 1.41 16.23 9.11
C ASP A 368 2.35 15.07 9.34
C ASP A 368 2.34 15.04 9.34
N PHE A 369 3.49 15.06 8.64
CA PHE A 369 4.52 14.02 8.83
C PHE A 369 5.74 14.58 9.59
N GLY A 370 5.57 15.67 10.28
CA GLY A 370 6.56 16.10 11.28
C GLY A 370 7.80 16.69 10.65
N PRO A 371 8.74 17.07 11.54
CA PRO A 371 9.93 17.75 11.10
C PRO A 371 10.70 17.00 10.05
N ILE A 372 11.28 17.68 9.09
CA ILE A 372 12.05 17.03 8.00
C ILE A 372 13.30 16.40 8.57
N SER A 373 13.84 16.92 9.62
CA SER A 373 15.02 16.41 10.35
C SER A 373 14.78 16.75 11.77
N THR A 374 15.40 16.04 12.70
CA THR A 374 15.15 16.23 14.09
C THR A 374 15.37 17.71 14.48
N GLY A 375 14.45 18.35 15.16
CA GLY A 375 14.53 19.71 15.59
C GLY A 375 14.19 20.78 14.56
N SER A 376 13.92 20.39 13.31
CA SER A 376 13.58 21.38 12.27
C SER A 376 12.21 21.97 12.51
N SER A 377 12.03 23.19 12.11
CA SER A 377 10.69 23.79 12.06
C SER A 377 10.02 23.70 10.71
N SER A 378 10.63 23.00 9.77
N SER A 378 10.62 22.96 9.79
N SER A 378 10.63 23.00 9.77
N SER A 378 10.62 22.96 9.79
CA SER A 378 9.96 22.64 8.50
CA SER A 378 10.04 22.62 8.47
CA SER A 378 9.97 22.63 8.50
CA SER A 378 10.04 22.62 8.47
C SER A 378 9.46 21.21 8.65
C SER A 378 9.50 21.19 8.52
C SER A 378 9.46 21.20 8.64
C SER A 378 9.50 21.19 8.53
N CYS A 379 8.21 21.02 8.27
CA CYS A 379 7.51 19.74 8.39
C CYS A 379 7.19 19.18 7.02
N PHE A 380 7.20 17.87 6.94
CA PHE A 380 6.93 17.22 5.64
C PHE A 380 5.46 16.98 5.44
N GLY A 381 4.96 17.33 4.25
CA GLY A 381 3.54 17.15 3.96
C GLY A 381 3.17 15.74 3.60
N GLY A 382 1.95 15.40 3.93
CA GLY A 382 1.43 14.07 3.66
C GLY A 382 0.67 13.95 2.34
N ILE A 383 0.51 15.04 1.64
CA ILE A 383 -0.04 15.06 0.27
C ILE A 383 1.08 15.56 -0.61
N GLN A 384 1.42 14.79 -1.64
CA GLN A 384 2.56 15.08 -2.51
C GLN A 384 2.15 14.85 -3.93
N SER A 385 2.90 15.42 -4.86
N SER A 385 2.90 15.42 -4.86
N SER A 385 2.90 15.42 -4.86
N SER A 385 2.90 15.42 -4.86
CA SER A 385 2.62 15.27 -6.29
CA SER A 385 2.62 15.27 -6.29
CA SER A 385 2.62 15.27 -6.29
CA SER A 385 2.62 15.27 -6.29
C SER A 385 2.97 13.87 -6.78
C SER A 385 2.97 13.87 -6.77
C SER A 385 2.97 13.87 -6.77
C SER A 385 2.97 13.87 -6.77
N SER A 386 2.10 13.32 -7.61
N SER A 386 2.10 13.31 -7.60
N SER A 386 2.10 13.32 -7.61
N SER A 386 2.11 13.31 -7.60
CA SER A 386 2.36 12.05 -8.33
CA SER A 386 2.35 12.04 -8.30
CA SER A 386 2.37 12.05 -8.32
CA SER A 386 2.37 12.03 -8.30
C SER A 386 3.09 12.30 -9.65
C SER A 386 3.06 12.28 -9.64
C SER A 386 3.11 12.28 -9.63
C SER A 386 3.08 12.28 -9.64
N ALA A 387 3.48 13.53 -9.96
N ALA A 387 3.27 13.52 -10.03
N ALA A 387 3.48 13.51 -9.98
N ALA A 387 3.34 13.52 -10.02
CA ALA A 387 4.16 13.83 -11.25
CA ALA A 387 3.73 13.81 -11.41
CA ALA A 387 4.19 13.79 -11.25
CA ALA A 387 3.75 13.83 -11.40
C ALA A 387 5.45 13.05 -11.33
C ALA A 387 4.99 12.99 -11.77
C ALA A 387 5.55 13.10 -11.23
C ALA A 387 4.93 12.98 -11.87
N GLY A 388 5.63 12.27 -12.40
N GLY A 388 5.92 12.76 -10.84
N GLY A 388 5.81 12.19 -12.16
N GLY A 388 5.90 12.61 -11.00
CA GLY A 388 6.78 11.39 -12.59
CA GLY A 388 7.21 12.06 -11.09
CA GLY A 388 7.05 11.41 -12.22
CA GLY A 388 7.09 11.82 -11.36
C GLY A 388 6.46 9.94 -12.23
C GLY A 388 7.09 10.55 -10.89
C GLY A 388 6.85 10.01 -11.68
C GLY A 388 6.81 10.33 -11.45
N ILE A 389 5.55 9.71 -11.27
N ILE A 389 5.90 10.03 -10.67
N ILE A 389 5.67 9.71 -11.13
N ILE A 389 5.66 9.87 -10.92
CA ILE A 389 5.26 8.32 -10.78
CA ILE A 389 5.69 8.59 -10.32
CA ILE A 389 5.32 8.32 -10.72
CA ILE A 389 5.37 8.43 -10.65
C ILE A 389 4.49 7.59 -11.88
C ILE A 389 5.03 7.85 -11.48
C ILE A 389 4.63 7.61 -11.86
C ILE A 389 4.69 7.76 -11.85
N GLY A 390 3.67 8.30 -12.64
N GLY A 390 4.00 8.43 -12.11
N GLY A 390 3.75 8.32 -12.58
N GLY A 390 3.75 8.44 -12.49
CA GLY A 390 2.87 7.75 -13.74
CA GLY A 390 3.32 7.87 -13.29
CA GLY A 390 2.95 7.76 -13.68
CA GLY A 390 2.97 7.91 -13.62
C GLY A 390 1.53 7.26 -13.25
C GLY A 390 1.96 7.25 -12.99
C GLY A 390 1.59 7.31 -13.21
C GLY A 390 1.63 7.36 -13.18
N ILE A 391 1.27 7.29 -11.93
N ILE A 391 1.48 7.29 -11.73
N ILE A 391 1.34 7.34 -11.89
N ILE A 391 1.35 7.36 -11.88
CA ILE A 391 -0.05 6.91 -11.37
CA ILE A 391 0.08 6.94 -11.35
CA ILE A 391 0.03 6.91 -11.32
CA ILE A 391 0.04 6.92 -11.32
C ILE A 391 -0.25 7.66 -10.05
C ILE A 391 -0.21 7.67 -10.03
C ILE A 391 -0.21 7.68 -10.02
C ILE A 391 -0.22 7.67 -10.02
N ASN A 392 -1.50 7.95 -9.74
N ASN A 392 -1.47 7.94 -9.76
N ASN A 392 -1.47 7.95 -9.73
N ASN A 392 -1.47 7.95 -9.73
CA ASN A 392 -1.86 8.53 -8.44
CA ASN A 392 -1.86 8.52 -8.45
CA ASN A 392 -1.84 8.52 -8.42
CA ASN A 392 -1.85 8.52 -8.42
C ASN A 392 -1.96 7.41 -7.41
C ASN A 392 -1.96 7.41 -7.42
C ASN A 392 -1.90 7.38 -7.40
C ASN A 392 -1.90 7.38 -7.40
N ILE A 393 -1.70 7.74 -6.16
N ILE A 393 -1.70 7.74 -6.17
N ILE A 393 -1.45 7.65 -6.19
N ILE A 393 -1.46 7.64 -6.18
CA ILE A 393 -1.63 6.68 -5.14
CA ILE A 393 -1.63 6.68 -5.14
CA ILE A 393 -1.43 6.59 -5.12
CA ILE A 393 -1.44 6.60 -5.12
C ILE A 393 -2.36 7.16 -3.92
C ILE A 393 -2.36 7.16 -3.92
C ILE A 393 -2.27 7.07 -3.93
C ILE A 393 -2.27 7.07 -3.93
N PHE A 394 -3.41 6.42 -3.62
CA PHE A 394 -4.14 6.59 -2.39
C PHE A 394 -3.50 5.73 -1.36
N GLY A 395 -2.45 6.21 -0.72
CA GLY A 395 -1.69 5.53 0.31
C GLY A 395 -2.34 5.73 1.67
N ASP A 396 -1.56 5.41 2.68
CA ASP A 396 -2.10 5.32 4.05
C ASP A 396 -2.75 6.60 4.52
N VAL A 397 -2.23 7.76 4.15
CA VAL A 397 -2.84 9.03 4.55
C VAL A 397 -4.31 9.05 4.16
N ALA A 398 -4.63 8.59 2.98
CA ALA A 398 -6.04 8.55 2.54
C ALA A 398 -6.75 7.34 3.15
N LEU A 399 -6.12 6.16 3.07
CA LEU A 399 -6.85 4.95 3.49
C LEU A 399 -7.18 4.95 4.96
N LYS A 400 -6.33 5.51 5.80
N LYS A 400 -6.36 5.53 5.82
N LYS A 400 -6.33 5.51 5.80
N LYS A 400 -6.36 5.53 5.82
CA LYS A 400 -6.57 5.47 7.25
CA LYS A 400 -6.63 5.44 7.28
CA LYS A 400 -6.57 5.47 7.25
CA LYS A 400 -6.63 5.44 7.28
C LYS A 400 -7.76 6.34 7.64
C LYS A 400 -7.74 6.41 7.70
C LYS A 400 -7.76 6.34 7.64
C LYS A 400 -7.74 6.41 7.70
N ALA A 401 -8.24 7.24 6.77
CA ALA A 401 -9.47 8.02 7.01
C ALA A 401 -10.73 7.19 6.72
N ALA A 402 -10.58 5.97 6.24
CA ALA A 402 -11.77 5.19 5.81
C ALA A 402 -11.65 3.75 6.29
N PHE A 403 -12.81 3.09 6.27
CA PHE A 403 -12.90 1.63 6.29
C PHE A 403 -12.91 1.19 4.84
N VAL A 404 -11.99 0.38 4.39
CA VAL A 404 -11.81 0.08 2.98
C VAL A 404 -12.02 -1.41 2.75
N VAL A 405 -12.91 -1.71 1.83
CA VAL A 405 -13.20 -3.08 1.42
C VAL A 405 -12.54 -3.40 0.11
N PHE A 406 -11.72 -4.41 0.08
CA PHE A 406 -11.08 -4.92 -1.12
C PHE A 406 -11.87 -6.17 -1.51
N ASN A 407 -12.79 -5.98 -2.45
CA ASN A 407 -13.74 -7.04 -2.84
C ASN A 407 -13.14 -7.82 -3.99
N GLY A 408 -12.71 -9.04 -3.76
CA GLY A 408 -12.05 -9.91 -4.74
C GLY A 408 -13.02 -10.87 -5.40
N ALA A 409 -14.27 -10.56 -5.48
CA ALA A 409 -15.25 -11.32 -6.30
C ALA A 409 -14.79 -11.30 -7.75
N THR A 410 -15.50 -12.12 -8.55
CA THR A 410 -15.19 -12.31 -9.98
C THR A 410 -14.95 -10.96 -10.66
N THR A 411 -15.84 -10.02 -10.39
CA THR A 411 -15.60 -8.60 -10.77
C THR A 411 -15.21 -7.84 -9.49
N PRO A 412 -13.91 -7.52 -9.37
CA PRO A 412 -13.47 -6.85 -8.13
C PRO A 412 -14.02 -5.46 -8.03
N THR A 413 -14.21 -4.99 -6.81
CA THR A 413 -14.59 -3.62 -6.54
C THR A 413 -13.90 -3.16 -5.26
N LEU A 414 -13.82 -1.86 -5.05
N LEU A 414 -14.09 -1.91 -4.94
N LEU A 414 -13.82 -1.86 -5.05
N LEU A 414 -14.09 -1.91 -4.94
CA LEU A 414 -13.42 -1.27 -3.75
CA LEU A 414 -13.43 -1.26 -3.80
CA LEU A 414 -13.42 -1.27 -3.75
CA LEU A 414 -13.44 -1.27 -3.79
C LEU A 414 -14.63 -0.66 -3.09
C LEU A 414 -14.48 -0.44 -3.05
C LEU A 414 -14.63 -0.68 -3.08
C LEU A 414 -14.47 -0.44 -3.03
N GLY A 415 -14.67 -0.71 -1.76
CA GLY A 415 -15.64 -0.03 -0.97
C GLY A 415 -15.00 0.94 -0.01
N PHE A 416 -15.55 2.09 0.21
CA PHE A 416 -15.09 3.05 1.23
C PHE A 416 -16.21 3.45 2.11
N ALA A 417 -16.00 3.47 3.41
CA ALA A 417 -16.92 4.03 4.37
C ALA A 417 -16.17 4.98 5.28
N SER A 418 -16.83 6.00 5.76
N SER A 418 -16.89 5.94 5.82
CA SER A 418 -16.30 6.81 6.88
CA SER A 418 -16.44 6.79 6.94
C SER A 418 -16.32 5.98 8.16
C SER A 418 -16.31 5.92 8.18
N LYS A 419 -15.57 6.40 9.19
CA LYS A 419 -15.48 5.64 10.45
C LYS A 419 -15.22 6.57 11.64
C4 RDV B . 4.57 -3.65 -8.41
C4 RDV B . 7.73 -0.46 -1.35
C5 RDV B . 5.95 -2.23 -6.91
C5 RDV B . 5.26 -1.02 -0.89
C6 RDV B . 4.97 -1.08 -7.13
C6 RDV B . 5.09 0.40 -1.46
N1 RDV B . 3.69 0.29 -2.65
N1 RDV B . 6.51 0.61 -6.31
C7 RDV B . 5.35 0.11 -6.28
C7 RDV B . 4.36 0.29 -2.78
C8 RDV B . 4.71 1.65 -4.42
C8 RDV B . 4.35 0.46 -5.15
C9 RDV B . 4.80 1.22 -2.98
C9 RDV B . 5.27 -0.19 -6.15
C10 RDV B . 3.59 -0.83 -3.64
C10 RDV B . 7.15 0.88 -5.00
C11 RDV B . 3.28 -0.26 -5.01
C11 RDV B . 6.19 1.59 -4.08
O RDV B . 6.40 0.69 -6.47
O RDV B . 3.28 -0.36 -2.85
C3 RDV B . 5.99 -3.22 -8.03
C3 RDV B . 6.73 -1.34 -0.56
C2 RDV B . 6.57 -4.54 -7.57
C2 RDV B . 7.16 -0.99 0.85
C1 RDV B . 6.13 -5.49 -8.62
C1 RDV B . 8.67 -1.04 0.80
C RDV B . 4.71 -5.10 -8.89
C RDV B . 9.01 -0.40 -0.49
N RDV B . 4.53 0.47 -5.28
N RDV B . 4.97 0.81 -3.88
C4 RDV C . 6.91 4.57 -3.98
C4 RDV C . 6.91 4.57 -3.98
C5 RDV C . 6.51 5.67 -1.74
C5 RDV C . 6.51 5.68 -1.73
C6 RDV C . 7.48 5.11 -0.72
C6 RDV C . 7.48 5.11 -0.72
N1 RDV C . 8.57 2.23 3.35
N1 RDV C . 8.58 2.22 3.35
C7 RDV C . 6.74 4.68 0.54
C7 RDV C . 6.74 4.68 0.54
C8 RDV C . 6.53 3.19 2.43
C8 RDV C . 6.53 3.19 2.43
C9 RDV C . 7.36 3.01 3.67
C9 RDV C . 7.36 3.01 3.68
C10 RDV C . 9.41 2.92 2.33
C10 RDV C . 9.41 2.92 2.33
C11 RDV C . 8.61 3.13 1.06
C11 RDV C . 8.61 3.12 1.06
O RDV C . 5.71 5.22 0.89
O RDV C . 5.71 5.22 0.89
C3 RDV C . 7.06 5.83 -3.16
C3 RDV C . 7.06 5.83 -3.16
C2 RDV C . 6.11 6.75 -3.96
C2 RDV C . 6.12 6.76 -3.96
C1 RDV C . 6.36 6.34 -5.41
C1 RDV C . 6.36 6.34 -5.41
C RDV C . 7.02 5.06 -5.39
C RDV C . 7.01 5.06 -5.39
N RDV C . 7.30 3.75 1.30
N RDV C . 7.30 3.75 1.30
S DMS D . 17.58 2.04 -0.86
O DMS D . 17.00 0.67 -0.40
C1 DMS D . 16.26 2.94 -1.60
C2 DMS D . 18.56 1.71 -2.30
C1 GOL E . -5.14 30.20 2.67
O1 GOL E . -5.47 30.50 4.02
C2 GOL E . -3.97 31.03 2.20
O2 GOL E . -2.69 30.56 2.67
C3 GOL E . -3.91 31.28 0.73
O3 GOL E . -3.51 32.63 0.56
C1 GOL F . -13.62 9.65 9.31
C1 GOL F . -13.25 9.20 9.27
O1 GOL F . -13.77 8.47 8.51
O1 GOL F . -13.98 8.81 8.11
C2 GOL F . -12.42 10.48 8.89
C2 GOL F . -12.35 10.38 9.00
O2 GOL F . -12.79 11.85 8.75
O2 GOL F . -13.11 11.39 8.32
C3 GOL F . -11.25 10.34 9.84
C3 GOL F . -11.66 10.93 10.24
O3 GOL F . -11.69 10.26 11.18
O3 GOL F . -12.61 11.37 11.20
C1 GOL G . 1.30 31.59 1.40
O1 GOL G . 2.17 32.30 2.28
C2 GOL G . 1.80 30.16 1.25
O2 GOL G . 3.14 30.16 0.79
C3 GOL G . 0.93 29.28 0.38
O3 GOL G . 1.54 28.02 0.12
C ACT H . 4.75 18.83 13.91
O ACT H . 5.74 19.11 14.65
OXT ACT H . 4.58 17.66 13.43
CH3 ACT H . 3.73 19.98 13.54
#